data_3UWN
#
_entry.id   3UWN
#
_cell.length_a   85.774
_cell.length_b   94.530
_cell.length_c   58.955
_cell.angle_alpha   90.000
_cell.angle_beta   90.000
_cell.angle_gamma   90.000
#
_symmetry.space_group_name_H-M   'P 21 21 2'
#
loop_
_entity.id
_entity.type
_entity.pdbx_description
1 polymer 'Lethal(3)malignant brain tumor-like protein 1'
2 non-polymer [2-(phenylamino)benzene-1,4-diyl]bis{[4-(pyrrolidin-1-yl)piperidin-1-yl]methanone}
3 non-polymer 'UNKNOWN ATOM OR ION'
4 water water
#
_entity_poly.entity_id   1
_entity_poly.type   'polypeptide(L)'
_entity_poly.pdbx_seq_one_letter_code
;GEKKECWSWESYLEEQKAITAPVSLFQDSQAVTHNKNGFKLGMKLEGIDPQHPSMYFILTVAEVCGYRLRLHFDGYSECH
DFWVNANSPDIHPAGWFEKTGHKLQPPKGYKEEEFSWSQYLRSTRAQAAPKHLFVSQSHSPPPLGFQVGMKLEAVDRMNP
SLVCVASVTDVVDSRFLVHFDNWDDTYDYWCDPSSPYIHPVGWCQKQGKPLTPPQDYPDPDNFCWEKYLEETGASAVPTW
AFKVRPPHSFLVNMKLEAVDRRNPALIRVASVEDVEDHRIKIHFDGWSHGYDFWIDADHPDIHPAGWCSKTGHPLQPPLG
PREPSSASPGG
;
_entity_poly.pdbx_strand_id   A
#
loop_
_chem_comp.id
_chem_comp.type
_chem_comp.name
_chem_comp.formula
UNX non-polymer 'UNKNOWN ATOM OR ION' ?
UWN non-polymer [2-(phenylamino)benzene-1,4-diyl]bis{[4-(pyrrolidin-1-yl)piperidin-1-yl]methanone} 'C32 H43 N5 O2'
#
# COMPACT_ATOMS: atom_id res chain seq x y z
N GLU A 5 13.21 25.50 22.26
CA GLU A 5 13.30 25.77 20.79
C GLU A 5 12.82 24.54 19.97
N CYS A 6 12.07 24.81 18.89
CA CYS A 6 11.50 23.77 18.04
C CYS A 6 12.57 22.82 17.47
N TRP A 7 12.33 21.50 17.55
CA TRP A 7 13.14 20.50 16.85
C TRP A 7 13.15 20.85 15.40
N SER A 8 14.21 20.49 14.71
CA SER A 8 14.25 20.67 13.26
C SER A 8 15.27 19.73 12.62
N TRP A 9 15.06 19.45 11.35
CA TRP A 9 15.96 18.65 10.58
C TRP A 9 17.30 19.32 10.44
N GLU A 10 17.29 20.57 9.94
CA GLU A 10 18.54 21.36 9.76
C GLU A 10 19.42 21.19 10.99
N SER A 11 18.84 21.45 12.15
CA SER A 11 19.56 21.30 13.44
C SER A 11 20.03 19.87 13.78
N TYR A 12 19.20 18.87 13.50
CA TYR A 12 19.51 17.48 13.86
C TYR A 12 20.63 16.93 12.99
N LEU A 13 20.61 17.30 11.72
CA LEU A 13 21.62 16.84 10.78
C LEU A 13 23.01 17.33 11.17
N GLU A 14 23.09 18.58 11.66
CA GLU A 14 24.37 19.14 12.10
C GLU A 14 24.83 18.45 13.39
N GLU A 15 23.95 18.37 14.37
CA GLU A 15 24.25 17.64 15.62
C GLU A 15 24.72 16.21 15.29
N GLN A 16 24.05 15.52 14.37
CA GLN A 16 24.36 14.10 14.11
C GLN A 16 25.44 13.87 13.07
N LYS A 17 25.81 14.90 12.33
CA LYS A 17 26.68 14.74 11.15
C LYS A 17 26.07 13.70 10.19
N ALA A 18 24.85 13.98 9.75
CA ALA A 18 24.07 13.02 8.98
C ALA A 18 23.57 13.68 7.73
N ILE A 19 23.11 12.85 6.79
CA ILE A 19 22.45 13.33 5.56
C ILE A 19 21.06 12.71 5.39
N THR A 20 20.19 13.46 4.72
CA THR A 20 18.86 13.00 4.37
C THR A 20 18.89 12.26 3.04
N ALA A 21 17.92 11.39 2.85
CA ALA A 21 17.67 10.78 1.54
C ALA A 21 17.21 11.90 0.57
N PRO A 22 17.95 12.13 -0.55
CA PRO A 22 17.43 13.15 -1.49
C PRO A 22 16.00 12.87 -2.00
N VAL A 23 15.23 13.95 -2.19
CA VAL A 23 13.86 13.89 -2.72
C VAL A 23 13.83 13.04 -4.00
N SER A 24 14.85 13.20 -4.86
CA SER A 24 14.90 12.47 -6.14
C SER A 24 14.88 10.93 -6.00
N LEU A 25 15.24 10.39 -4.83
CA LEU A 25 15.18 8.93 -4.62
C LEU A 25 13.75 8.37 -4.42
N PHE A 26 12.80 9.25 -4.14
CA PHE A 26 11.44 8.86 -3.81
C PHE A 26 10.58 8.94 -5.06
N GLN A 27 9.43 8.28 -5.03
CA GLN A 27 8.40 8.51 -6.07
C GLN A 27 7.76 9.88 -5.84
N ASP A 28 7.34 10.54 -6.93
CA ASP A 28 6.63 11.79 -6.84
C ASP A 28 5.54 11.77 -5.77
N SER A 29 4.70 10.72 -5.77
CA SER A 29 3.59 10.62 -4.81
C SER A 29 4.04 10.48 -3.34
N GLN A 30 5.23 9.95 -3.09
CA GLN A 30 5.78 9.92 -1.72
C GLN A 30 6.30 11.30 -1.28
N ALA A 31 6.68 12.12 -2.27
CA ALA A 31 7.40 13.38 -2.06
C ALA A 31 6.49 14.56 -2.05
N VAL A 32 5.43 14.52 -2.83
CA VAL A 32 4.62 15.73 -3.03
C VAL A 32 4.03 16.26 -1.72
N THR A 33 4.29 17.54 -1.45
CA THR A 33 3.89 18.25 -0.23
C THR A 33 2.90 19.37 -0.46
N HIS A 34 2.76 19.85 -1.69
CA HIS A 34 1.96 21.08 -1.93
C HIS A 34 0.48 20.89 -2.22
N ASN A 35 0.03 19.65 -2.44
CA ASN A 35 -1.45 19.42 -2.63
C ASN A 35 -2.17 19.57 -1.33
N LYS A 36 -3.36 20.13 -1.38
CA LYS A 36 -4.14 20.30 -0.17
C LYS A 36 -4.87 18.99 0.10
N ASN A 37 -5.18 18.75 1.38
CA ASN A 37 -6.04 17.64 1.79
C ASN A 37 -7.45 18.17 1.96
N GLY A 38 -8.34 17.78 1.07
CA GLY A 38 -9.71 18.33 1.08
C GLY A 38 -10.67 17.42 1.79
N PHE A 39 -10.20 16.29 2.27
CA PHE A 39 -11.04 15.38 3.02
C PHE A 39 -11.39 16.03 4.37
N LYS A 40 -12.67 15.93 4.78
CA LYS A 40 -13.09 16.44 6.09
C LYS A 40 -13.70 15.32 6.90
N LEU A 41 -13.69 15.50 8.20
CA LEU A 41 -14.26 14.55 9.12
C LEU A 41 -15.73 14.28 8.71
N GLY A 42 -16.13 13.00 8.65
CA GLY A 42 -17.52 12.64 8.34
C GLY A 42 -17.83 12.35 6.89
N MET A 43 -16.96 12.77 5.99
CA MET A 43 -17.17 12.48 4.56
C MET A 43 -17.12 10.99 4.37
N LYS A 44 -17.97 10.51 3.46
CA LYS A 44 -18.08 9.09 3.16
C LYS A 44 -17.55 8.76 1.78
N LEU A 45 -17.03 7.55 1.64
CA LEU A 45 -16.42 7.09 0.36
C LEU A 45 -16.32 5.57 0.32
N GLU A 46 -15.58 5.05 -0.69
CA GLU A 46 -15.40 3.60 -0.90
C GLU A 46 -13.90 3.32 -0.90
N GLY A 47 -13.52 2.08 -0.68
CA GLY A 47 -12.10 1.78 -0.61
C GLY A 47 -11.84 0.34 -0.44
N ILE A 48 -10.62 -0.10 -0.77
CA ILE A 48 -10.30 -1.49 -0.57
C ILE A 48 -10.01 -1.68 0.91
N ASP A 49 -10.23 -2.90 1.38
CA ASP A 49 -9.79 -3.30 2.68
C ASP A 49 -8.29 -3.59 2.54
N PRO A 50 -7.44 -2.82 3.24
CA PRO A 50 -6.00 -3.05 3.05
C PRO A 50 -5.57 -4.43 3.50
N GLN A 51 -6.26 -5.03 4.47
CA GLN A 51 -5.93 -6.42 4.86
C GLN A 51 -6.65 -7.51 4.04
N HIS A 52 -7.33 -7.12 2.97
CA HIS A 52 -8.14 -8.05 2.16
C HIS A 52 -8.37 -7.33 0.86
N PRO A 53 -7.28 -7.13 0.08
CA PRO A 53 -7.26 -6.09 -0.98
C PRO A 53 -8.19 -6.30 -2.19
N SER A 54 -8.87 -7.45 -2.27
CA SER A 54 -9.84 -7.71 -3.34
C SER A 54 -11.25 -7.22 -2.99
N MET A 55 -11.44 -6.68 -1.78
CA MET A 55 -12.79 -6.33 -1.28
C MET A 55 -12.93 -4.83 -1.14
N TYR A 56 -14.13 -4.31 -1.43
CA TYR A 56 -14.49 -2.89 -1.31
C TYR A 56 -15.51 -2.69 -0.22
N PHE A 57 -15.30 -1.68 0.63
CA PHE A 57 -16.20 -1.32 1.73
C PHE A 57 -16.58 0.14 1.69
N ILE A 58 -17.61 0.48 2.43
CA ILE A 58 -18.01 1.89 2.61
C ILE A 58 -17.20 2.44 3.76
N LEU A 59 -16.59 3.61 3.56
CA LEU A 59 -15.67 4.16 4.57
C LEU A 59 -15.98 5.60 4.91
N THR A 60 -15.63 5.97 6.13
CA THR A 60 -15.88 7.32 6.63
C THR A 60 -14.58 7.94 7.14
N VAL A 61 -14.35 9.21 6.82
CA VAL A 61 -13.17 9.92 7.31
C VAL A 61 -13.36 10.15 8.80
N ALA A 62 -12.60 9.43 9.63
CA ALA A 62 -12.67 9.53 11.10
C ALA A 62 -11.71 10.57 11.65
N GLU A 63 -10.69 10.93 10.87
CA GLU A 63 -9.72 11.91 11.33
C GLU A 63 -8.91 12.41 10.16
N VAL A 64 -8.51 13.66 10.24
CA VAL A 64 -7.63 14.24 9.29
C VAL A 64 -6.39 14.72 10.01
N CYS A 65 -5.23 14.46 9.40
CA CYS A 65 -3.97 14.96 9.94
C CYS A 65 -2.98 15.25 8.82
N GLY A 66 -2.69 16.54 8.62
CA GLY A 66 -1.85 16.96 7.49
C GLY A 66 -2.41 16.37 6.21
N TYR A 67 -1.54 15.72 5.42
CA TYR A 67 -1.95 15.10 4.13
C TYR A 67 -2.52 13.66 4.26
N ARG A 68 -2.83 13.23 5.48
CA ARG A 68 -3.32 11.87 5.73
C ARG A 68 -4.72 11.86 6.34
N LEU A 69 -5.38 10.73 6.26
CA LEU A 69 -6.67 10.55 6.90
C LEU A 69 -6.80 9.16 7.51
N ARG A 70 -7.54 9.10 8.61
CA ARG A 70 -7.90 7.85 9.23
C ARG A 70 -9.29 7.51 8.77
N LEU A 71 -9.42 6.32 8.18
CA LEU A 71 -10.67 5.86 7.64
C LEU A 71 -11.26 4.78 8.53
N HIS A 72 -12.60 4.81 8.64
CA HIS A 72 -13.37 3.87 9.49
CA HIS A 72 -13.38 3.90 9.50
C HIS A 72 -14.33 3.06 8.66
N PHE A 73 -14.38 1.74 8.92
CA PHE A 73 -15.32 0.88 8.21
C PHE A 73 -16.75 1.01 8.78
N ASP A 74 -17.66 1.69 8.05
CA ASP A 74 -19.03 1.98 8.55
C ASP A 74 -19.69 0.75 9.10
N GLY A 75 -20.24 0.86 10.31
CA GLY A 75 -20.92 -0.25 11.01
C GLY A 75 -19.99 -1.11 11.86
N TYR A 76 -18.70 -1.11 11.55
CA TYR A 76 -17.77 -2.04 12.18
C TYR A 76 -16.97 -1.36 13.28
N SER A 77 -16.15 -2.15 13.97
CA SER A 77 -15.34 -1.64 15.06
C SER A 77 -14.23 -0.68 14.63
N GLU A 78 -13.96 0.29 15.51
CA GLU A 78 -12.77 1.15 15.42
C GLU A 78 -11.44 0.42 15.30
N CYS A 79 -11.38 -0.84 15.73
CA CYS A 79 -10.10 -1.55 15.73
C CYS A 79 -9.57 -1.83 14.32
N HIS A 80 -10.45 -1.76 13.32
CA HIS A 80 -10.07 -1.91 11.91
C HIS A 80 -9.68 -0.61 11.23
N ASP A 81 -9.88 0.53 11.92
CA ASP A 81 -9.53 1.85 11.34
C ASP A 81 -8.11 1.82 10.81
N PHE A 82 -7.86 2.54 9.75
CA PHE A 82 -6.56 2.56 9.13
C PHE A 82 -6.27 3.95 8.49
N TRP A 83 -5.03 4.15 8.11
CA TRP A 83 -4.55 5.44 7.64
C TRP A 83 -4.11 5.37 6.20
N VAL A 84 -4.43 6.40 5.44
CA VAL A 84 -3.96 6.53 4.08
C VAL A 84 -3.61 7.97 3.83
N ASN A 85 -2.93 8.21 2.72
CA ASN A 85 -2.59 9.54 2.27
C ASN A 85 -3.70 10.03 1.35
N ALA A 86 -3.91 11.34 1.30
CA ALA A 86 -4.95 11.92 0.44
C ALA A 86 -4.77 11.59 -1.05
N ASN A 87 -3.57 11.20 -1.48
CA ASN A 87 -3.36 10.73 -2.87
C ASN A 87 -3.37 9.20 -3.01
N SER A 88 -4.10 8.54 -2.12
CA SER A 88 -4.19 7.11 -2.15
C SER A 88 -4.99 6.71 -3.39
N PRO A 89 -4.46 5.75 -4.17
CA PRO A 89 -5.18 5.11 -5.26
C PRO A 89 -6.12 3.98 -4.77
N ASP A 90 -6.19 3.73 -3.46
CA ASP A 90 -6.90 2.59 -2.90
C ASP A 90 -8.22 3.00 -2.24
N ILE A 91 -8.62 4.23 -2.55
CA ILE A 91 -9.91 4.76 -2.16
C ILE A 91 -10.58 5.32 -3.44
N HIS A 92 -11.91 5.39 -3.44
CA HIS A 92 -12.68 5.87 -4.60
C HIS A 92 -13.90 6.62 -4.15
N PRO A 93 -14.40 7.52 -5.00
CA PRO A 93 -15.60 8.28 -4.61
C PRO A 93 -16.87 7.43 -4.60
N ALA A 94 -17.86 7.87 -3.83
CA ALA A 94 -19.19 7.26 -3.83
C ALA A 94 -19.65 7.06 -5.29
N GLY A 95 -20.09 5.84 -5.62
CA GLY A 95 -20.62 5.54 -6.95
C GLY A 95 -19.65 4.72 -7.79
N TRP A 96 -18.38 4.68 -7.37
CA TRP A 96 -17.33 4.05 -8.17
C TRP A 96 -17.53 2.56 -8.40
N PHE A 97 -17.95 1.79 -7.39
CA PHE A 97 -18.08 0.32 -7.55
C PHE A 97 -19.15 -0.02 -8.59
N GLU A 98 -20.25 0.72 -8.53
CA GLU A 98 -21.34 0.61 -9.51
C GLU A 98 -20.88 0.90 -10.95
N LYS A 99 -20.06 1.94 -11.15
CA LYS A 99 -19.67 2.37 -12.50
C LYS A 99 -18.55 1.52 -13.10
N THR A 100 -17.87 0.76 -12.26
CA THR A 100 -16.75 -0.01 -12.72
C THR A 100 -16.99 -1.51 -12.62
N GLY A 101 -18.20 -1.89 -12.22
CA GLY A 101 -18.59 -3.29 -12.13
C GLY A 101 -17.97 -4.08 -11.00
N HIS A 102 -17.71 -3.41 -9.87
CA HIS A 102 -17.13 -4.04 -8.70
C HIS A 102 -18.18 -4.26 -7.64
N LYS A 103 -17.92 -5.23 -6.78
CA LYS A 103 -18.85 -5.63 -5.72
C LYS A 103 -18.55 -4.87 -4.42
N LEU A 104 -19.60 -4.61 -3.62
CA LEU A 104 -19.47 -3.91 -2.31
C LEU A 104 -19.74 -4.85 -1.17
N GLN A 105 -18.91 -4.78 -0.13
CA GLN A 105 -19.23 -5.46 1.13
C GLN A 105 -19.92 -4.39 1.95
N PRO A 106 -21.24 -4.53 2.17
CA PRO A 106 -21.99 -3.38 2.75
C PRO A 106 -21.72 -3.15 4.24
N PRO A 107 -22.12 -1.99 4.76
CA PRO A 107 -21.92 -1.72 6.20
C PRO A 107 -22.60 -2.75 7.07
N LYS A 108 -22.07 -2.98 8.27
CA LYS A 108 -22.66 -3.97 9.16
C LYS A 108 -24.09 -3.59 9.40
N GLY A 109 -24.97 -4.57 9.39
CA GLY A 109 -26.42 -4.34 9.45
C GLY A 109 -27.13 -4.50 8.11
N TYR A 110 -26.40 -4.31 7.01
CA TYR A 110 -27.00 -4.31 5.64
C TYR A 110 -26.68 -5.59 4.88
N LYS A 111 -27.70 -6.18 4.24
CA LYS A 111 -27.47 -7.14 3.14
C LYS A 111 -27.15 -6.28 1.89
N GLU A 112 -26.41 -6.86 0.94
CA GLU A 112 -25.85 -6.08 -0.21
C GLU A 112 -26.93 -5.41 -1.08
N GLU A 113 -28.02 -6.13 -1.35
CA GLU A 113 -29.15 -5.63 -2.16
C GLU A 113 -29.80 -4.42 -1.49
N GLU A 114 -29.83 -4.41 -0.16
CA GLU A 114 -30.35 -3.27 0.62
C GLU A 114 -29.40 -2.03 0.68
N PHE A 115 -28.43 -1.89 -0.24
CA PHE A 115 -27.55 -0.69 -0.22
C PHE A 115 -27.65 0.25 -1.42
N SER A 116 -27.81 1.52 -1.11
CA SER A 116 -27.89 2.58 -2.11
C SER A 116 -27.36 3.87 -1.50
N TRP A 117 -26.34 4.43 -2.14
CA TRP A 117 -25.72 5.66 -1.66
C TRP A 117 -26.69 6.75 -1.28
N SER A 118 -27.65 7.04 -2.16
CA SER A 118 -28.57 8.15 -1.94
C SER A 118 -29.39 7.98 -0.67
N GLN A 119 -29.86 6.76 -0.40
CA GLN A 119 -30.64 6.50 0.83
C GLN A 119 -29.73 6.54 2.08
N TYR A 120 -28.60 5.86 1.96
CA TYR A 120 -27.62 5.79 3.03
C TYR A 120 -27.15 7.18 3.48
N LEU A 121 -26.87 8.06 2.53
CA LEU A 121 -26.48 9.42 2.86
C LEU A 121 -27.59 10.15 3.60
N ARG A 122 -28.84 9.93 3.19
CA ARG A 122 -29.98 10.50 3.90
C ARG A 122 -30.11 9.89 5.27
N SER A 123 -29.97 8.57 5.34
CA SER A 123 -30.13 7.86 6.60
CA SER A 123 -30.11 7.84 6.61
C SER A 123 -29.05 8.27 7.63
N THR A 124 -27.84 8.56 7.13
CA THR A 124 -26.72 8.94 8.00
C THR A 124 -26.48 10.44 8.02
N ARG A 125 -27.24 11.20 7.21
CA ARG A 125 -27.13 12.67 7.17
C ARG A 125 -25.71 13.13 6.88
N ALA A 126 -25.05 12.44 5.97
CA ALA A 126 -23.64 12.67 5.74
C ALA A 126 -23.44 13.00 4.29
N GLN A 127 -22.27 13.55 3.96
CA GLN A 127 -21.89 13.96 2.60
CA GLN A 127 -21.96 13.88 2.59
C GLN A 127 -20.86 12.98 2.04
N ALA A 128 -20.91 12.73 0.72
CA ALA A 128 -19.87 11.99 0.02
C ALA A 128 -18.68 12.90 -0.16
N ALA A 129 -17.47 12.40 0.12
CA ALA A 129 -16.30 13.12 -0.28
C ALA A 129 -16.48 13.42 -1.79
N PRO A 130 -16.23 14.67 -2.24
CA PRO A 130 -16.41 14.99 -3.65
C PRO A 130 -15.39 14.33 -4.57
N LYS A 131 -15.81 14.03 -5.79
CA LYS A 131 -15.01 13.25 -6.75
C LYS A 131 -13.64 13.84 -7.06
N HIS A 132 -13.52 15.17 -7.01
CA HIS A 132 -12.29 15.83 -7.41
C HIS A 132 -11.14 15.60 -6.44
N LEU A 133 -11.45 15.16 -5.23
CA LEU A 133 -10.42 14.76 -4.25
C LEU A 133 -9.63 13.50 -4.59
N PHE A 134 -10.10 12.70 -5.56
CA PHE A 134 -9.54 11.35 -5.76
C PHE A 134 -8.61 11.20 -7.00
N VAL A 135 -7.38 10.70 -6.79
CA VAL A 135 -6.50 10.36 -7.95
C VAL A 135 -7.03 9.20 -8.87
N SER A 136 -7.81 8.26 -8.29
CA SER A 136 -8.27 7.04 -9.00
C SER A 136 -9.82 7.03 -9.19
N PRO A 141 -5.62 5.66 -17.55
CA PRO A 141 -5.55 4.65 -18.60
C PRO A 141 -4.77 3.37 -18.20
N PRO A 142 -5.18 2.20 -18.74
CA PRO A 142 -4.87 0.89 -18.16
C PRO A 142 -3.40 0.44 -18.29
N PRO A 143 -2.96 -0.53 -17.45
CA PRO A 143 -1.62 -1.09 -17.58
C PRO A 143 -1.54 -1.95 -18.84
N LEU A 144 -0.78 -1.47 -19.82
CA LEU A 144 -0.62 -2.14 -21.09
C LEU A 144 -0.28 -3.62 -20.89
N GLY A 145 -1.11 -4.49 -21.44
CA GLY A 145 -0.79 -5.92 -21.53
C GLY A 145 -1.17 -6.78 -20.33
N PHE A 146 -1.78 -6.18 -19.30
CA PHE A 146 -2.30 -6.93 -18.14
C PHE A 146 -3.82 -6.88 -18.17
N GLN A 147 -4.46 -8.00 -18.50
CA GLN A 147 -5.93 -8.12 -18.50
C GLN A 147 -6.39 -9.19 -17.52
N VAL A 148 -7.57 -8.99 -16.97
CA VAL A 148 -8.24 -9.97 -16.10
C VAL A 148 -8.23 -11.35 -16.79
N GLY A 149 -7.80 -12.40 -16.10
CA GLY A 149 -7.74 -13.75 -16.68
C GLY A 149 -6.35 -14.23 -17.09
N MET A 150 -5.44 -13.30 -17.32
CA MET A 150 -4.08 -13.64 -17.62
C MET A 150 -3.37 -14.22 -16.41
N LYS A 151 -2.39 -15.09 -16.68
CA LYS A 151 -1.64 -15.76 -15.66
C LYS A 151 -0.14 -15.40 -15.71
N LEU A 152 0.52 -15.59 -14.58
CA LEU A 152 1.88 -15.13 -14.36
C LEU A 152 2.41 -15.82 -13.12
N GLU A 153 3.69 -15.63 -12.86
CA GLU A 153 4.30 -16.05 -11.63
C GLU A 153 4.52 -14.83 -10.71
N ALA A 154 4.39 -15.03 -9.42
CA ALA A 154 4.48 -13.90 -8.49
C ALA A 154 4.87 -14.31 -7.06
N VAL A 155 5.65 -13.44 -6.43
CA VAL A 155 6.12 -13.64 -5.07
C VAL A 155 4.95 -13.46 -4.12
N ASP A 156 4.69 -14.49 -3.30
CA ASP A 156 3.85 -14.37 -2.12
C ASP A 156 4.54 -13.43 -1.13
N ARG A 157 3.97 -12.25 -0.91
CA ARG A 157 4.66 -11.26 -0.08
C ARG A 157 4.54 -11.57 1.41
N MET A 158 3.58 -12.43 1.77
CA MET A 158 3.52 -13.01 3.11
C MET A 158 4.56 -14.12 3.29
N ASN A 159 5.10 -14.66 2.20
CA ASN A 159 6.08 -15.79 2.24
C ASN A 159 7.10 -15.63 1.14
N PRO A 160 7.93 -14.57 1.25
CA PRO A 160 8.67 -14.00 0.12
C PRO A 160 9.69 -14.90 -0.55
N SER A 161 9.98 -16.06 0.02
CA SER A 161 10.89 -17.00 -0.64
C SER A 161 10.18 -17.82 -1.70
N LEU A 162 8.84 -17.71 -1.77
CA LEU A 162 8.05 -18.50 -2.72
C LEU A 162 7.58 -17.70 -3.91
N VAL A 163 7.93 -18.18 -5.11
CA VAL A 163 7.29 -17.69 -6.34
C VAL A 163 6.22 -18.68 -6.76
N CYS A 164 5.04 -18.14 -7.10
CA CYS A 164 3.83 -18.93 -7.18
C CYS A 164 3.00 -18.66 -8.44
N VAL A 165 2.19 -19.65 -8.82
CA VAL A 165 1.24 -19.51 -9.93
C VAL A 165 0.13 -18.53 -9.57
N ALA A 166 -0.09 -17.58 -10.46
CA ALA A 166 -0.94 -16.43 -10.18
C ALA A 166 -1.75 -16.02 -11.37
N SER A 167 -2.84 -15.29 -11.12
CA SER A 167 -3.71 -14.75 -12.17
C SER A 167 -3.98 -13.31 -11.84
N VAL A 168 -4.28 -12.52 -12.88
CA VAL A 168 -4.80 -11.13 -12.73
C VAL A 168 -6.32 -11.18 -12.55
N THR A 169 -6.83 -10.64 -11.45
CA THR A 169 -8.27 -10.74 -11.16
C THR A 169 -9.04 -9.42 -11.13
N ASP A 170 -8.32 -8.30 -11.19
CA ASP A 170 -8.92 -6.97 -11.17
C ASP A 170 -7.89 -6.06 -11.89
N VAL A 171 -8.39 -5.12 -12.68
CA VAL A 171 -7.56 -4.07 -13.25
C VAL A 171 -8.24 -2.75 -12.90
N VAL A 172 -7.55 -1.84 -12.23
CA VAL A 172 -8.16 -0.54 -11.90
C VAL A 172 -7.21 0.61 -12.23
N ASP A 173 -7.65 1.51 -13.09
CA ASP A 173 -6.76 2.51 -13.69
C ASP A 173 -5.41 1.87 -14.12
N SER A 174 -4.28 2.27 -13.55
CA SER A 174 -2.97 1.81 -14.03
CA SER A 174 -2.97 1.80 -14.03
C SER A 174 -2.44 0.59 -13.28
N ARG A 175 -3.26 -0.01 -12.43
CA ARG A 175 -2.79 -1.11 -11.62
C ARG A 175 -3.64 -2.38 -11.81
N PHE A 176 -3.11 -3.50 -11.33
CA PHE A 176 -3.84 -4.75 -11.40
C PHE A 176 -3.63 -5.54 -10.13
N LEU A 177 -4.61 -6.43 -9.86
CA LEU A 177 -4.61 -7.24 -8.68
C LEU A 177 -4.06 -8.60 -9.02
N VAL A 178 -3.00 -8.96 -8.31
CA VAL A 178 -2.41 -10.25 -8.44
C VAL A 178 -3.07 -11.17 -7.42
N HIS A 179 -3.49 -12.35 -7.91
CA HIS A 179 -4.22 -13.34 -7.12
C HIS A 179 -3.59 -14.68 -7.28
N PHE A 180 -3.60 -15.47 -6.19
CA PHE A 180 -2.91 -16.75 -6.20
C PHE A 180 -3.90 -17.89 -6.35
N ASP A 181 -3.84 -18.56 -7.51
CA ASP A 181 -4.85 -19.55 -7.92
C ASP A 181 -5.14 -20.52 -6.80
N ASN A 182 -6.42 -20.61 -6.41
CA ASN A 182 -6.91 -21.61 -5.47
C ASN A 182 -6.45 -21.41 -4.02
N TRP A 183 -5.92 -20.22 -3.71
CA TRP A 183 -5.59 -19.81 -2.35
C TRP A 183 -6.54 -18.68 -2.00
N ASP A 184 -6.70 -18.43 -0.70
CA ASP A 184 -7.57 -17.36 -0.22
C ASP A 184 -7.14 -15.99 -0.79
N ASP A 185 -8.11 -15.15 -1.12
CA ASP A 185 -7.82 -13.84 -1.74
C ASP A 185 -7.26 -12.75 -0.76
N THR A 186 -7.02 -13.12 0.51
CA THR A 186 -6.27 -12.26 1.46
C THR A 186 -4.80 -12.18 1.06
N TYR A 187 -4.34 -13.15 0.29
CA TYR A 187 -2.96 -13.16 -0.22
C TYR A 187 -2.78 -12.27 -1.45
N ASP A 188 -3.88 -11.71 -1.98
CA ASP A 188 -3.80 -10.81 -3.15
C ASP A 188 -3.12 -9.49 -2.84
N TYR A 189 -2.60 -8.83 -3.87
CA TYR A 189 -2.03 -7.50 -3.72
C TYR A 189 -1.98 -6.80 -5.03
N TRP A 190 -1.94 -5.49 -4.95
CA TRP A 190 -1.94 -4.66 -6.11
C TRP A 190 -0.54 -4.37 -6.54
N CYS A 191 -0.35 -4.20 -7.84
CA CYS A 191 0.89 -3.69 -8.37
C CYS A 191 0.74 -3.20 -9.78
N ASP A 192 1.84 -2.69 -10.36
CA ASP A 192 1.86 -2.23 -11.71
C ASP A 192 2.87 -3.06 -12.52
N PRO A 193 3.02 -2.73 -13.81
CA PRO A 193 3.89 -3.55 -14.64
C PRO A 193 5.36 -3.56 -14.20
N SER A 194 5.79 -2.54 -13.44
CA SER A 194 7.18 -2.45 -13.04
C SER A 194 7.48 -3.24 -11.78
N SER A 195 6.46 -3.82 -11.14
CA SER A 195 6.70 -4.52 -9.87
C SER A 195 7.78 -5.60 -9.98
N PRO A 196 8.75 -5.59 -9.03
CA PRO A 196 9.76 -6.64 -9.02
C PRO A 196 9.28 -7.92 -8.34
N TYR A 197 7.98 -8.02 -7.99
CA TYR A 197 7.47 -9.24 -7.36
C TYR A 197 6.73 -10.13 -8.34
N ILE A 198 6.59 -9.67 -9.57
CA ILE A 198 5.92 -10.44 -10.63
C ILE A 198 6.89 -10.87 -11.78
N HIS A 199 6.59 -12.00 -12.40
CA HIS A 199 7.41 -12.53 -13.52
C HIS A 199 6.54 -13.24 -14.52
N PRO A 200 7.00 -13.31 -15.80
CA PRO A 200 6.25 -14.08 -16.78
C PRO A 200 6.20 -15.58 -16.48
N VAL A 201 5.11 -16.23 -16.88
CA VAL A 201 5.04 -17.71 -16.87
C VAL A 201 6.35 -18.27 -17.44
N GLY A 202 6.92 -19.27 -16.79
CA GLY A 202 8.19 -19.88 -17.25
C GLY A 202 9.46 -19.35 -16.59
N TRP A 203 9.39 -18.18 -15.95
CA TRP A 203 10.55 -17.58 -15.22
C TRP A 203 11.23 -18.55 -14.24
N CYS A 204 10.48 -19.16 -13.35
CA CYS A 204 11.06 -20.09 -12.38
C CYS A 204 11.87 -21.24 -13.04
N GLN A 205 11.31 -21.90 -14.06
CA GLN A 205 12.02 -22.93 -14.82
C GLN A 205 13.34 -22.37 -15.40
N LYS A 206 13.28 -21.17 -15.99
CA LYS A 206 14.46 -20.53 -16.57
C LYS A 206 15.52 -20.14 -15.55
N GLN A 207 15.11 -19.86 -14.33
CA GLN A 207 16.05 -19.37 -13.31
C GLN A 207 16.56 -20.48 -12.42
N GLY A 208 15.96 -21.66 -12.53
CA GLY A 208 16.28 -22.77 -11.63
C GLY A 208 15.55 -22.74 -10.31
N LYS A 209 14.76 -21.68 -10.06
CA LYS A 209 13.99 -21.56 -8.82
C LYS A 209 12.80 -22.54 -8.86
N PRO A 210 12.37 -23.04 -7.69
CA PRO A 210 11.17 -23.89 -7.71
C PRO A 210 9.89 -23.06 -7.79
N LEU A 211 8.84 -23.66 -8.33
CA LEU A 211 7.57 -22.96 -8.57
C LEU A 211 6.50 -23.51 -7.65
N THR A 212 5.81 -22.65 -6.90
CA THR A 212 4.70 -23.14 -6.06
C THR A 212 3.41 -23.18 -6.87
N PRO A 213 2.86 -24.39 -7.07
CA PRO A 213 1.65 -24.57 -7.84
C PRO A 213 0.41 -24.16 -7.09
N PRO A 214 -0.76 -24.16 -7.77
CA PRO A 214 -2.03 -23.95 -7.12
C PRO A 214 -2.22 -24.91 -5.96
N GLN A 215 -2.93 -24.46 -4.94
CA GLN A 215 -3.15 -25.23 -3.74
C GLN A 215 -3.90 -26.50 -4.08
N ASP A 216 -3.40 -27.62 -3.57
CA ASP A 216 -4.02 -28.94 -3.81
C ASP A 216 -4.09 -29.32 -5.29
N TYR A 217 -3.13 -28.86 -6.07
CA TYR A 217 -3.08 -29.23 -7.46
C TYR A 217 -2.62 -30.70 -7.56
N PRO A 218 -3.39 -31.55 -8.27
CA PRO A 218 -2.98 -32.96 -8.38
C PRO A 218 -1.59 -33.13 -8.98
N ASP A 219 -0.67 -33.74 -8.22
CA ASP A 219 0.63 -34.19 -8.74
C ASP A 219 1.65 -33.04 -9.00
N PRO A 220 2.06 -32.33 -7.96
CA PRO A 220 3.03 -31.26 -8.15
C PRO A 220 4.48 -31.77 -8.25
N PHE A 223 3.36 -30.58 -11.99
CA PHE A 223 2.70 -29.38 -12.51
C PHE A 223 3.45 -28.82 -13.69
N CYS A 224 2.69 -28.47 -14.72
CA CYS A 224 3.25 -28.05 -15.99
C CYS A 224 2.42 -26.87 -16.45
N TRP A 225 3.07 -25.77 -16.79
CA TRP A 225 2.34 -24.58 -17.22
C TRP A 225 1.53 -24.84 -18.47
N GLU A 226 2.14 -25.43 -19.49
CA GLU A 226 1.45 -25.68 -20.75
C GLU A 226 0.14 -26.44 -20.51
N LYS A 227 0.21 -27.49 -19.71
CA LYS A 227 -0.97 -28.27 -19.34
C LYS A 227 -2.02 -27.37 -18.65
N TYR A 228 -1.59 -26.59 -17.66
CA TYR A 228 -2.51 -25.74 -16.88
C TYR A 228 -3.12 -24.62 -17.72
N LEU A 229 -2.36 -24.06 -18.65
CA LEU A 229 -2.94 -23.09 -19.60
C LEU A 229 -4.00 -23.74 -20.53
N GLU A 230 -3.78 -24.98 -20.92
CA GLU A 230 -4.77 -25.72 -21.72
C GLU A 230 -5.96 -26.12 -20.87
N GLU A 231 -5.71 -26.64 -19.66
CA GLU A 231 -6.77 -26.99 -18.74
C GLU A 231 -7.73 -25.82 -18.57
N THR A 232 -7.20 -24.61 -18.41
CA THR A 232 -8.00 -23.42 -18.07
C THR A 232 -8.34 -22.51 -19.26
N GLY A 233 -7.70 -22.72 -20.41
CA GLY A 233 -7.91 -21.82 -21.54
C GLY A 233 -7.48 -20.37 -21.27
N ALA A 234 -6.60 -20.17 -20.28
CA ALA A 234 -6.12 -18.83 -19.93
C ALA A 234 -4.87 -18.58 -20.73
N SER A 235 -4.59 -17.35 -21.04
CA SER A 235 -3.31 -17.01 -21.67
C SER A 235 -2.32 -16.38 -20.64
N ALA A 236 -1.02 -16.59 -20.88
CA ALA A 236 0.04 -15.98 -20.07
C ALA A 236 0.04 -14.48 -20.25
N VAL A 237 0.26 -13.70 -19.19
CA VAL A 237 0.57 -12.28 -19.41
C VAL A 237 1.76 -12.27 -20.36
N PRO A 238 1.72 -11.46 -21.43
CA PRO A 238 2.83 -11.52 -22.39
C PRO A 238 4.14 -10.91 -21.82
N THR A 239 5.28 -11.44 -22.26
CA THR A 239 6.56 -11.08 -21.69
C THR A 239 6.89 -9.57 -21.86
N TRP A 240 6.53 -8.99 -23.00
CA TRP A 240 6.77 -7.58 -23.24
C TRP A 240 6.12 -6.65 -22.26
N ALA A 241 5.08 -7.11 -21.57
CA ALA A 241 4.33 -6.26 -20.64
C ALA A 241 5.10 -5.98 -19.33
N PHE A 242 5.98 -6.88 -18.94
CA PHE A 242 6.72 -6.73 -17.69
C PHE A 242 7.85 -5.73 -17.89
N LYS A 243 7.90 -4.72 -17.03
CA LYS A 243 8.97 -3.72 -17.08
C LYS A 243 9.92 -3.89 -15.88
N VAL A 244 11.19 -3.63 -16.11
CA VAL A 244 12.19 -3.69 -15.03
C VAL A 244 12.07 -2.38 -14.27
N ARG A 245 11.72 -2.42 -12.99
CA ARG A 245 11.92 -1.20 -12.17
C ARG A 245 13.41 -1.08 -11.81
N PRO A 246 13.99 0.12 -11.97
CA PRO A 246 15.36 0.27 -11.49
C PRO A 246 15.48 -0.04 -9.98
N PRO A 247 16.62 -0.62 -9.56
CA PRO A 247 16.85 -0.65 -8.12
C PRO A 247 16.80 0.78 -7.54
N HIS A 248 16.32 0.94 -6.31
CA HIS A 248 16.33 2.29 -5.69
C HIS A 248 17.74 2.71 -5.41
N SER A 249 17.93 3.96 -5.01
CA SER A 249 19.28 4.46 -4.73
C SER A 249 19.51 4.88 -3.26
N PHE A 250 18.61 4.47 -2.35
CA PHE A 250 18.79 4.73 -0.92
C PHE A 250 20.06 4.05 -0.42
N LEU A 251 20.93 4.81 0.24
CA LEU A 251 22.11 4.24 0.93
C LEU A 251 21.92 4.20 2.44
N VAL A 252 22.64 3.29 3.07
CA VAL A 252 22.66 3.13 4.52
C VAL A 252 23.01 4.47 5.21
N ASN A 253 22.34 4.75 6.31
CA ASN A 253 22.46 6.02 7.10
C ASN A 253 21.71 7.19 6.61
N MET A 254 21.22 7.17 5.38
CA MET A 254 20.40 8.31 4.91
C MET A 254 19.20 8.40 5.82
N LYS A 255 18.77 9.63 6.11
CA LYS A 255 17.63 9.86 6.98
C LYS A 255 16.34 10.24 6.22
N LEU A 256 15.20 9.90 6.80
CA LEU A 256 13.92 10.22 6.20
C LEU A 256 12.83 10.20 7.27
N GLU A 257 11.57 10.24 6.85
CA GLU A 257 10.42 10.16 7.75
C GLU A 257 9.60 8.89 7.40
N ALA A 258 9.19 8.12 8.41
CA ALA A 258 8.38 6.89 8.17
C ALA A 258 7.25 6.77 9.17
N VAL A 259 6.10 6.31 8.69
CA VAL A 259 4.97 6.01 9.55
C VAL A 259 5.38 4.85 10.49
N ASP A 260 4.97 4.92 11.73
CA ASP A 260 5.22 3.85 12.71
C ASP A 260 4.18 2.74 12.51
N ARG A 261 4.62 1.57 12.11
CA ARG A 261 3.71 0.45 11.91
C ARG A 261 2.98 -0.01 13.20
N ARG A 262 3.58 0.17 14.38
CA ARG A 262 2.90 -0.17 15.66
C ARG A 262 1.86 0.85 16.08
N ASN A 263 2.11 2.12 15.82
CA ASN A 263 1.07 3.16 15.96
C ASN A 263 0.99 4.01 14.70
N PRO A 264 0.21 3.55 13.70
CA PRO A 264 0.09 4.19 12.39
C PRO A 264 -0.20 5.68 12.38
N ALA A 265 -0.72 6.22 13.48
CA ALA A 265 -1.01 7.65 13.58
C ALA A 265 0.26 8.49 13.55
N LEU A 266 1.35 7.92 14.00
CA LEU A 266 2.58 8.65 14.22
C LEU A 266 3.55 8.48 13.10
N ILE A 267 4.31 9.54 12.83
CA ILE A 267 5.42 9.46 11.88
C ILE A 267 6.67 9.86 12.59
N ARG A 268 7.75 9.14 12.31
CA ARG A 268 8.97 9.32 13.08
C ARG A 268 10.15 9.65 12.23
N VAL A 269 11.11 10.36 12.85
CA VAL A 269 12.48 10.48 12.33
C VAL A 269 13.06 9.08 12.17
N ALA A 270 13.53 8.77 10.95
CA ALA A 270 13.94 7.44 10.57
C ALA A 270 15.28 7.43 9.85
N SER A 271 16.01 6.31 9.94
CA SER A 271 17.24 6.10 9.18
C SER A 271 17.17 4.80 8.37
N VAL A 272 17.91 4.76 7.26
CA VAL A 272 18.00 3.55 6.46
C VAL A 272 19.01 2.63 7.13
N GLU A 273 18.54 1.55 7.75
CA GLU A 273 19.43 0.59 8.40
C GLU A 273 20.12 -0.35 7.40
N ASP A 274 19.39 -0.76 6.37
CA ASP A 274 19.95 -1.70 5.35
C ASP A 274 19.23 -1.48 4.01
N VAL A 275 19.77 -2.04 2.92
CA VAL A 275 19.14 -1.89 1.61
C VAL A 275 19.20 -3.19 0.80
N GLU A 276 18.16 -3.41 -0.02
CA GLU A 276 18.14 -4.42 -1.10
C GLU A 276 17.96 -3.66 -2.38
N ASP A 277 17.73 -4.37 -3.48
CA ASP A 277 17.49 -3.71 -4.76
C ASP A 277 16.22 -2.87 -4.70
N HIS A 278 15.20 -3.38 -4.01
CA HIS A 278 13.85 -2.82 -4.09
C HIS A 278 13.22 -2.52 -2.75
N ARG A 279 13.98 -2.73 -1.68
CA ARG A 279 13.50 -2.57 -0.32
C ARG A 279 14.54 -1.84 0.55
N ILE A 280 14.07 -1.10 1.54
CA ILE A 280 14.93 -0.47 2.53
C ILE A 280 14.47 -0.99 3.89
N LYS A 281 15.40 -1.09 4.83
CA LYS A 281 15.05 -1.43 6.19
C LYS A 281 15.15 -0.15 7.02
N ILE A 282 14.09 0.17 7.72
CA ILE A 282 13.97 1.40 8.46
C ILE A 282 14.28 1.18 9.93
N HIS A 283 15.09 2.09 10.51
CA HIS A 283 15.29 2.16 11.97
CA HIS A 283 15.33 2.17 11.95
C HIS A 283 14.81 3.49 12.42
N PHE A 284 14.04 3.51 13.53
CA PHE A 284 13.63 4.76 14.11
C PHE A 284 14.71 5.27 15.06
N ASP A 285 15.28 6.45 14.76
CA ASP A 285 16.38 7.03 15.55
C ASP A 285 16.00 7.08 17.03
N GLY A 286 16.92 6.58 17.86
CA GLY A 286 16.79 6.63 19.31
C GLY A 286 16.15 5.37 19.91
N TRP A 287 15.54 4.54 19.05
CA TRP A 287 14.77 3.38 19.46
C TRP A 287 15.59 2.17 19.32
N SER A 288 15.25 1.16 20.09
CA SER A 288 15.85 -0.14 19.92
C SER A 288 15.73 -0.64 18.50
N HIS A 289 16.64 -1.53 18.14
CA HIS A 289 16.60 -2.17 16.82
C HIS A 289 15.56 -3.22 16.67
N GLY A 290 14.84 -3.51 17.75
CA GLY A 290 13.77 -4.49 17.71
C GLY A 290 12.62 -4.11 16.79
N TYR A 291 12.54 -2.82 16.44
CA TYR A 291 11.42 -2.34 15.63
C TYR A 291 11.85 -2.03 14.22
N ASP A 292 13.11 -2.25 13.92
CA ASP A 292 13.57 -2.17 12.56
C ASP A 292 12.65 -3.02 11.70
N PHE A 293 12.36 -2.57 10.48
CA PHE A 293 11.45 -3.29 9.57
C PHE A 293 11.77 -3.02 8.12
N TRP A 294 11.65 -4.05 7.30
CA TRP A 294 11.77 -3.89 5.86
C TRP A 294 10.51 -3.33 5.27
N ILE A 295 10.66 -2.55 4.21
CA ILE A 295 9.56 -1.91 3.53
C ILE A 295 9.98 -1.66 2.09
N ASP A 296 9.00 -1.67 1.19
CA ASP A 296 9.28 -1.45 -0.21
C ASP A 296 9.63 -0.01 -0.39
N ALA A 297 10.61 0.23 -1.25
CA ALA A 297 11.04 1.59 -1.54
C ALA A 297 9.91 2.45 -2.09
N ASP A 298 8.88 1.82 -2.66
CA ASP A 298 7.72 2.57 -3.21
C ASP A 298 6.49 2.64 -2.28
N HIS A 299 6.66 2.20 -1.05
CA HIS A 299 5.54 2.15 -0.14
C HIS A 299 5.07 3.57 0.12
N PRO A 300 3.75 3.78 0.19
CA PRO A 300 3.20 5.13 0.41
C PRO A 300 3.59 5.85 1.72
N ASP A 301 4.08 5.11 2.72
CA ASP A 301 4.28 5.60 4.06
C ASP A 301 5.74 5.86 4.41
N ILE A 302 6.59 6.01 3.39
CA ILE A 302 7.91 6.63 3.59
C ILE A 302 7.98 7.91 2.75
N HIS A 303 8.70 8.88 3.31
CA HIS A 303 8.71 10.24 2.82
C HIS A 303 10.04 10.91 3.13
N PRO A 304 10.43 11.89 2.32
CA PRO A 304 11.66 12.61 2.63
C PRO A 304 11.54 13.53 3.82
N ALA A 305 12.69 13.90 4.37
CA ALA A 305 12.77 14.91 5.42
C ALA A 305 12.03 16.16 4.98
N GLY A 306 11.25 16.76 5.87
CA GLY A 306 10.44 17.95 5.56
C GLY A 306 8.97 17.67 5.26
N TRP A 307 8.62 16.39 5.04
CA TRP A 307 7.27 16.04 4.55
C TRP A 307 6.21 16.38 5.55
N CYS A 308 6.46 16.04 6.82
CA CYS A 308 5.56 16.41 7.91
C CYS A 308 5.40 17.90 8.13
N SER A 309 6.51 18.63 8.26
CA SER A 309 6.44 20.09 8.45
C SER A 309 5.62 20.71 7.31
N LYS A 310 5.96 20.38 6.07
CA LYS A 310 5.32 20.99 4.88
C LYS A 310 3.85 20.61 4.65
N THR A 311 3.40 19.48 5.19
CA THR A 311 2.03 19.03 4.96
C THR A 311 1.15 19.27 6.16
N GLY A 312 1.74 19.53 7.33
CA GLY A 312 0.95 19.91 8.53
C GLY A 312 0.77 18.76 9.53
N HIS A 313 1.67 17.76 9.49
CA HIS A 313 1.53 16.52 10.31
C HIS A 313 2.57 16.50 11.37
N PRO A 314 2.21 16.12 12.62
CA PRO A 314 3.29 16.05 13.63
C PRO A 314 4.37 15.04 13.31
N LEU A 315 5.60 15.37 13.73
CA LEU A 315 6.76 14.52 13.58
C LEU A 315 7.32 14.17 14.94
N GLN A 316 7.44 12.88 15.21
CA GLN A 316 8.03 12.43 16.44
C GLN A 316 9.56 12.53 16.34
N PRO A 317 10.18 13.28 17.26
CA PRO A 317 11.64 13.35 17.27
C PRO A 317 12.25 12.04 17.74
N PRO A 318 13.56 11.86 17.59
CA PRO A 318 14.17 10.62 18.09
C PRO A 318 13.86 10.35 19.57
N LEU A 319 13.84 9.08 19.98
CA LEU A 319 13.52 8.74 21.38
C LEU A 319 14.69 9.15 22.28
N GLY A 320 14.40 9.81 23.41
CA GLY A 320 15.44 10.30 24.34
C GLY A 320 16.43 9.23 24.79
N PRO A 321 17.64 9.66 25.23
N PRO A 321 17.59 9.65 25.35
CA PRO A 321 18.59 8.69 25.75
CA PRO A 321 18.80 8.83 25.47
C PRO A 321 18.10 8.11 27.09
C PRO A 321 18.68 7.48 26.26
N ARG A 322 18.37 6.84 27.33
N ARG A 322 18.11 7.54 27.46
CA ARG A 322 18.03 6.19 28.60
CA ARG A 322 18.07 6.36 28.36
C ARG A 322 16.52 6.01 28.83
C ARG A 322 16.63 5.85 28.68
N GLU A 323 15.69 6.16 27.78
CA GLU A 323 14.30 5.84 27.93
C GLU A 323 14.07 4.32 27.82
N PRO A 324 12.89 3.86 28.19
CA PRO A 324 12.55 2.48 27.80
C PRO A 324 12.55 2.31 26.27
N SER A 325 12.87 1.12 25.78
CA SER A 325 12.83 0.79 24.34
C SER A 325 13.85 1.55 23.51
N SER A 326 14.86 2.16 24.15
CA SER A 326 15.89 2.96 23.48
C SER A 326 17.13 2.16 23.07
N ALA A 327 17.82 2.67 22.04
CA ALA A 327 19.07 2.08 21.58
C ALA A 327 20.25 2.37 22.55
N SER A 328 21.40 1.77 22.23
CA SER A 328 22.70 1.90 22.96
C SER A 328 22.89 0.80 23.96
N3 UWN B . 4.29 -24.12 2.92
N4 UWN B . 9.91 -22.14 3.80
N2 UWN B . 2.47 -21.36 2.62
N1 UWN B . 0.91 -18.92 -0.49
OAA UWN B . 9.19 -23.41 2.10
OAB UWN B . 3.04 -20.94 4.77
CAE UWN B . 1.73 -24.24 5.56
CAF UWN B . 2.06 -24.89 2.87
CAG UWN B . 2.95 -24.01 4.93
CAH UWN B . 7.09 -21.05 3.51
CAI UWN B . 5.73 -20.78 3.67
CAJ UWN B . 6.55 -23.35 2.99
CAM UWN B . 0.21 -18.22 -2.68
CAN UWN B . -0.50 -17.43 -1.61
CAQ UWN B . 0.63 -19.81 1.83
CAR UWN B . 2.58 -20.57 0.34
CAU UWN B . 1.00 -19.28 -1.92
CAV UWN B . -0.41 -18.29 -0.39
CAX UWN B . 9.77 -21.22 4.99
CAY UWN B . 1.07 -20.92 2.85
CAZ UWN B . 2.79 -21.78 1.23
CBB UWN B . 8.90 -22.66 3.02
CBC UWN B . 3.38 -21.35 3.65
CBD UWN B . 3.12 -24.32 3.58
CBE UWN B . 7.53 -22.34 3.19
CBF UWN B . 5.18 -23.08 3.15
CBG UWN B . 4.74 -21.76 3.48
CBI UWN B . 1.09 -20.12 0.38
UNK UNX C . 14.82 12.41 3.50
UNK UNX D . -20.36 3.84 11.89
UNK UNX E . -15.97 7.59 -9.83
UNK UNX F . 6.22 -3.23 2.28
UNK UNX G . -2.20 -4.49 -1.76
UNK UNX H . -9.66 -19.16 -7.73
UNK UNX I . -5.44 -20.51 1.36
UNK UNX J . 11.12 -15.32 -17.77
UNK UNX K . 19.70 5.77 16.56
UNK UNX L . 22.66 7.00 -4.27
UNK UNX M . -9.66 15.52 12.40
UNK UNX N . 7.58 0.55 23.42
UNK UNX O . -0.70 0.73 0.68
UNK UNX P . 4.28 -0.73 -1.85
#